data_5A0O
#
_entry.id   5A0O
#
_cell.length_a   69.290
_cell.length_b   72.640
_cell.length_c   107.930
_cell.angle_alpha   90.00
_cell.angle_beta   90.00
_cell.angle_gamma   90.00
#
_symmetry.space_group_name_H-M   'I 21 21 21'
#
loop_
_entity.id
_entity.type
_entity.pdbx_description
1 polymer ADHIRON
2 water water
#
_entity_poly.entity_id   1
_entity_poly.type   'polypeptide(L)'
_entity_poly.pdbx_seq_one_letter_code
;MASNSLEIEELARFAVDEHNKKENALLEFVRVVKAKEQANLYLSTPIDTMYYLTLEAKDGGKKKLYEAKVWVKHIMYYPK
TANFKELQEFKPVGDAAAAHHHHHHHH
;
_entity_poly.pdbx_strand_id   B,S
#
# COMPACT_ATOMS: atom_id res chain seq x y z
N ALA A 2 -8.55 4.62 19.64
CA ALA A 2 -9.86 4.87 18.96
C ALA A 2 -9.65 5.44 17.54
N SER A 3 -10.73 5.86 16.88
CA SER A 3 -10.69 6.43 15.51
C SER A 3 -11.15 7.91 15.54
N ASN A 4 -10.47 8.77 14.78
CA ASN A 4 -10.75 10.21 14.81
C ASN A 4 -10.31 10.85 16.13
N SER A 5 -11.13 11.76 16.63
CA SER A 5 -10.81 12.55 17.80
C SER A 5 -9.69 13.53 17.47
N LEU A 6 -8.47 13.03 17.56
CA LEU A 6 -7.26 13.79 17.30
C LEU A 6 -6.15 12.81 16.98
N GLU A 7 -6.42 11.52 17.13
CA GLU A 7 -5.54 10.48 16.63
C GLU A 7 -5.12 10.78 15.20
N ILE A 8 -6.03 11.36 14.40
CA ILE A 8 -5.70 11.78 13.05
C ILE A 8 -4.63 12.85 13.01
N GLU A 9 -4.42 13.57 14.12
CA GLU A 9 -3.29 14.50 14.20
C GLU A 9 -1.96 13.73 14.24
N GLU A 10 -1.77 12.94 15.28
CA GLU A 10 -0.52 12.24 15.54
C GLU A 10 -0.19 11.20 14.47
N LEU A 11 -1.18 10.86 13.67
CA LEU A 11 -1.00 9.98 12.55
C LEU A 11 -0.38 10.74 11.40
N ALA A 12 -0.91 11.91 11.07
CA ALA A 12 -0.22 12.84 10.17
C ALA A 12 1.21 13.13 10.66
N ARG A 13 1.36 13.36 11.97
CA ARG A 13 2.68 13.52 12.57
C ARG A 13 3.57 12.33 12.25
N PHE A 14 3.01 11.14 12.48
CA PHE A 14 3.68 9.90 12.14
C PHE A 14 4.13 9.84 10.67
N ALA A 15 3.26 10.26 9.75
CA ALA A 15 3.53 10.15 8.30
C ALA A 15 4.65 11.06 7.90
N VAL A 16 4.61 12.28 8.43
CA VAL A 16 5.64 13.26 8.13
C VAL A 16 6.97 12.56 8.42
N ASP A 17 7.27 12.31 9.70
CA ASP A 17 8.51 11.66 10.10
C ASP A 17 8.95 10.59 9.12
N GLU A 18 8.01 9.80 8.65
CA GLU A 18 8.33 8.65 7.83
C GLU A 18 8.59 9.03 6.39
N HIS A 19 8.28 10.28 6.05
CA HIS A 19 8.69 10.87 4.79
C HIS A 19 10.09 11.49 4.98
N ASN A 20 10.42 11.82 6.22
CA ASN A 20 11.76 12.30 6.60
C ASN A 20 12.88 11.23 6.61
N LYS A 21 12.51 9.95 6.65
CA LYS A 21 13.47 8.86 6.46
C LYS A 21 13.50 8.49 4.98
N LYS A 22 12.44 7.82 4.51
CA LYS A 22 12.33 7.39 3.12
C LYS A 22 12.95 8.40 2.15
N GLU A 23 12.57 9.67 2.28
CA GLU A 23 13.14 10.71 1.39
C GLU A 23 14.23 11.55 2.08
N ASN A 24 14.58 11.18 3.30
CA ASN A 24 15.59 11.90 4.06
C ASN A 24 15.48 13.43 3.90
N ALA A 25 14.45 13.99 4.54
CA ALA A 25 14.18 15.45 4.65
C ALA A 25 14.20 15.87 6.12
N LEU A 26 13.76 17.09 6.43
CA LEU A 26 13.27 17.42 7.78
C LEU A 26 12.13 18.43 7.66
N LEU A 27 10.98 17.99 7.19
CA LEU A 27 9.78 18.83 7.23
C LEU A 27 9.31 18.95 8.68
N GLU A 28 8.78 20.12 9.05
CA GLU A 28 8.10 20.28 10.33
C GLU A 28 6.59 20.38 10.10
N PHE A 29 5.87 19.65 10.95
CA PHE A 29 4.41 19.50 10.88
C PHE A 29 3.75 20.75 11.49
N VAL A 30 2.98 21.47 10.66
CA VAL A 30 2.06 22.54 11.10
C VAL A 30 0.71 22.01 11.67
N ARG A 31 -0.19 21.56 10.78
CA ARG A 31 -1.50 21.01 11.17
C ARG A 31 -2.04 20.08 10.09
N VAL A 32 -3.14 19.39 10.39
CA VAL A 32 -3.88 18.60 9.39
C VAL A 32 -4.97 19.45 8.80
N VAL A 33 -5.15 19.42 7.49
CA VAL A 33 -6.22 20.22 6.93
C VAL A 33 -7.51 19.45 6.75
N LYS A 34 -7.39 18.30 6.12
CA LYS A 34 -8.51 17.63 5.53
C LYS A 34 -8.14 16.14 5.57
N ALA A 35 -9.03 15.30 6.13
CA ALA A 35 -8.77 13.85 6.28
C ALA A 35 -9.97 12.96 5.92
N LYS A 36 -9.70 11.88 5.17
CA LYS A 36 -10.69 10.82 4.87
C LYS A 36 -10.31 9.55 5.65
N GLU A 37 -11.24 8.93 6.34
CA GLU A 37 -10.92 7.75 7.12
C GLU A 37 -11.68 6.60 6.53
N GLN A 38 -11.02 5.49 6.22
CA GLN A 38 -11.79 4.38 5.69
C GLN A 38 -11.56 3.10 6.44
N ALA A 39 -12.58 2.58 7.11
CA ALA A 39 -12.37 1.44 7.98
C ALA A 39 -13.18 0.23 7.54
N ASN A 40 -12.60 -0.95 7.73
CA ASN A 40 -13.27 -2.24 7.49
C ASN A 40 -13.48 -3.02 8.79
N LEU A 41 -14.71 -3.49 9.00
CA LEU A 41 -15.03 -4.38 10.10
C LEU A 41 -15.51 -5.71 9.59
N TYR A 42 -15.35 -6.73 10.42
CA TYR A 42 -15.83 -8.05 10.10
C TYR A 42 -16.38 -8.63 11.39
N LEU A 43 -17.65 -9.04 11.37
CA LEU A 43 -18.43 -9.35 12.57
C LEU A 43 -18.00 -8.47 13.74
N SER A 44 -17.99 -7.16 13.51
CA SER A 44 -17.65 -6.18 14.54
C SER A 44 -16.22 -6.30 15.08
N THR A 45 -15.38 -7.05 14.40
CA THR A 45 -13.96 -6.97 14.66
C THR A 45 -13.36 -5.99 13.65
N PRO A 46 -12.77 -4.89 14.15
CA PRO A 46 -12.16 -3.94 13.25
C PRO A 46 -10.88 -4.54 12.69
N ILE A 47 -10.81 -4.70 11.37
CA ILE A 47 -9.63 -5.26 10.68
C ILE A 47 -8.52 -4.25 10.31
N ASP A 48 -8.95 -3.14 9.74
CA ASP A 48 -8.11 -2.41 8.84
C ASP A 48 -8.56 -0.99 8.60
N THR A 49 -7.66 -0.01 8.53
CA THR A 49 -8.11 1.38 8.27
C THR A 49 -7.15 2.19 7.37
N MET A 50 -7.65 2.71 6.25
CA MET A 50 -6.86 3.57 5.36
C MET A 50 -7.24 5.02 5.60
N TYR A 51 -6.24 5.82 5.95
CA TYR A 51 -6.40 7.26 6.10
C TYR A 51 -5.75 8.00 4.94
N TYR A 52 -6.55 8.60 4.06
CA TYR A 52 -6.05 9.62 3.11
C TYR A 52 -5.92 11.03 3.77
N LEU A 53 -4.74 11.41 4.22
CA LEU A 53 -4.59 12.69 4.89
C LEU A 53 -4.14 13.74 3.90
N THR A 54 -4.73 14.93 3.99
CA THR A 54 -4.18 16.16 3.37
C THR A 54 -3.52 17.04 4.43
N LEU A 55 -2.29 17.41 4.19
CA LEU A 55 -1.42 17.82 5.27
C LEU A 55 -0.86 19.22 5.02
N GLU A 56 -0.31 19.82 6.07
CA GLU A 56 0.41 21.08 5.96
C GLU A 56 1.69 21.02 6.77
N ALA A 57 2.83 21.06 6.10
CA ALA A 57 4.11 21.04 6.79
C ALA A 57 5.02 22.10 6.21
N LYS A 58 6.00 22.50 7.01
CA LYS A 58 6.99 23.51 6.61
C LYS A 58 8.21 22.83 5.96
N ASP A 59 8.25 22.77 4.62
CA ASP A 59 9.42 22.17 3.92
C ASP A 59 10.69 22.99 4.15
N GLY A 60 11.35 22.69 5.26
CA GLY A 60 12.52 23.42 5.71
C GLY A 60 12.37 24.94 5.87
N GLY A 61 11.17 25.48 5.68
CA GLY A 61 11.00 26.95 5.71
C GLY A 61 9.59 27.50 5.65
N LYS A 62 8.93 27.35 4.50
CA LYS A 62 7.56 27.88 4.28
C LYS A 62 6.47 26.78 4.21
N LYS A 63 5.27 27.08 4.71
CA LYS A 63 4.16 26.10 4.73
C LYS A 63 3.82 25.53 3.33
N LYS A 64 3.53 24.22 3.26
CA LYS A 64 3.11 23.54 2.00
C LYS A 64 2.13 22.37 2.15
N LEU A 65 1.55 21.99 1.01
CA LEU A 65 0.46 21.03 0.95
C LEU A 65 0.79 19.66 0.38
N TYR A 66 0.76 18.69 1.29
CA TYR A 66 1.06 17.33 0.98
C TYR A 66 -0.13 16.40 1.18
N GLU A 67 -0.34 15.52 0.21
CA GLU A 67 -1.31 14.42 0.31
C GLU A 67 -0.65 13.08 0.75
N ALA A 68 -0.98 12.60 1.95
CA ALA A 68 -0.41 11.36 2.48
C ALA A 68 -1.44 10.23 2.52
N LYS A 69 -0.97 9.00 2.35
CA LYS A 69 -1.82 7.83 2.50
C LYS A 69 -1.22 6.96 3.60
N VAL A 70 -1.97 6.74 4.67
CA VAL A 70 -1.47 5.92 5.75
C VAL A 70 -2.45 4.80 5.98
N TRP A 71 -1.89 3.60 6.14
CA TRP A 71 -2.64 2.40 6.35
C TRP A 71 -2.29 1.90 7.74
N VAL A 72 -3.31 1.61 8.53
CA VAL A 72 -3.15 1.09 9.89
C VAL A 72 -3.84 -0.26 9.92
N LYS A 73 -3.11 -1.30 10.32
CA LYS A 73 -3.70 -2.64 10.41
C LYS A 73 -3.88 -2.93 11.88
N HIS A 74 -5.11 -3.27 12.24
CA HIS A 74 -5.47 -3.56 13.62
C HIS A 74 -5.23 -5.00 14.00
N ILE A 75 -4.42 -5.21 15.01
CA ILE A 75 -4.19 -6.55 15.50
C ILE A 75 -5.05 -6.70 16.72
N MET A 76 -6.00 -7.62 16.69
CA MET A 76 -7.00 -7.66 17.75
C MET A 76 -6.58 -8.36 19.03
N TYR A 77 -6.58 -9.67 19.09
CA TYR A 77 -6.29 -10.15 20.42
C TYR A 77 -5.00 -10.91 20.58
N TYR A 78 -4.77 -11.90 19.70
CA TYR A 78 -3.50 -12.61 19.68
C TYR A 78 -2.51 -11.68 18.93
N PRO A 79 -1.30 -11.42 19.47
CA PRO A 79 -0.92 -11.70 20.86
C PRO A 79 -0.95 -10.43 21.71
N LYS A 80 -2.09 -9.76 21.69
CA LYS A 80 -2.30 -8.47 22.34
C LYS A 80 -2.85 -7.59 21.24
N THR A 81 -3.61 -6.59 21.64
CA THR A 81 -4.17 -5.65 20.73
C THR A 81 -3.13 -4.62 20.42
N ALA A 82 -2.87 -4.40 19.13
CA ALA A 82 -1.95 -3.35 18.70
C ALA A 82 -2.28 -2.84 17.29
N ASN A 83 -1.45 -1.92 16.79
CA ASN A 83 -1.63 -1.40 15.44
C ASN A 83 -0.37 -1.35 14.61
N PHE A 84 -0.53 -1.59 13.33
CA PHE A 84 0.61 -1.51 12.49
C PHE A 84 0.38 -0.34 11.56
N LYS A 85 1.22 0.69 11.71
CA LYS A 85 1.15 1.91 10.90
C LYS A 85 2.13 1.82 9.72
N GLU A 86 1.65 2.12 8.53
CA GLU A 86 2.51 2.14 7.35
C GLU A 86 2.11 3.35 6.51
N LEU A 87 3.08 4.24 6.31
CA LEU A 87 3.01 5.30 5.30
C LEU A 87 3.23 4.63 3.95
N GLN A 88 2.37 4.95 2.98
CA GLN A 88 2.56 4.44 1.62
C GLN A 88 2.16 5.43 0.49
N GLU A 89 2.62 6.68 0.64
CA GLU A 89 2.40 7.72 -0.34
C GLU A 89 2.33 9.07 0.36
N PHE A 90 3.18 9.98 -0.11
CA PHE A 90 3.44 11.25 0.52
C PHE A 90 3.82 12.20 -0.61
N LYS A 91 2.81 12.85 -1.19
CA LYS A 91 2.87 13.44 -2.53
C LYS A 91 2.27 14.88 -2.55
N PRO A 92 3.08 15.94 -2.24
CA PRO A 92 2.55 17.32 -2.16
C PRO A 92 1.77 17.68 -3.41
N VAL A 93 0.79 18.59 -3.29
CA VAL A 93 -0.33 18.66 -4.28
C VAL A 93 -0.64 20.02 -4.97
N GLY A 94 -0.85 21.09 -4.19
CA GLY A 94 -1.24 22.39 -4.75
C GLY A 94 -0.54 23.51 -4.04
N ALA B 2 13.01 -16.56 0.75
CA ALA B 2 13.31 -16.67 -0.71
C ALA B 2 12.02 -16.43 -1.50
N SER B 3 12.07 -15.56 -2.50
CA SER B 3 10.91 -15.35 -3.33
C SER B 3 10.64 -16.65 -4.04
N ASN B 4 9.38 -16.98 -4.20
CA ASN B 4 9.08 -18.22 -4.85
C ASN B 4 8.63 -17.89 -6.23
N SER B 5 9.26 -18.50 -7.23
CA SER B 5 9.00 -18.07 -8.58
C SER B 5 7.56 -18.29 -9.03
N LEU B 6 7.00 -19.47 -8.76
CA LEU B 6 5.63 -19.80 -9.14
C LEU B 6 4.60 -18.87 -8.50
N GLU B 7 4.87 -18.48 -7.28
CA GLU B 7 3.92 -17.69 -6.53
C GLU B 7 3.88 -16.28 -7.12
N ILE B 8 5.04 -15.79 -7.51
CA ILE B 8 5.20 -14.50 -8.16
C ILE B 8 4.58 -14.57 -9.55
N GLU B 9 4.74 -15.73 -10.17
CA GLU B 9 4.32 -15.85 -11.52
C GLU B 9 2.84 -15.71 -11.48
N GLU B 10 2.18 -16.19 -10.43
CA GLU B 10 0.71 -16.14 -10.36
C GLU B 10 0.21 -14.76 -10.01
N LEU B 11 0.97 -14.14 -9.12
CA LEU B 11 0.73 -12.78 -8.72
C LEU B 11 0.78 -11.88 -9.92
N ALA B 12 1.62 -12.24 -10.88
CA ALA B 12 1.71 -11.44 -12.09
C ALA B 12 0.57 -11.77 -13.06
N ARG B 13 0.13 -13.02 -13.03
CA ARG B 13 -1.00 -13.42 -13.86
C ARG B 13 -2.19 -12.64 -13.40
N PHE B 14 -2.36 -12.56 -12.09
CA PHE B 14 -3.37 -11.69 -11.51
C PHE B 14 -3.20 -10.25 -11.98
N ALA B 15 -1.98 -9.70 -11.94
CA ALA B 15 -1.81 -8.30 -12.34
C ALA B 15 -2.41 -8.06 -13.72
N VAL B 16 -2.01 -8.88 -14.68
CA VAL B 16 -2.52 -8.75 -16.04
C VAL B 16 -4.03 -8.98 -16.16
N ASP B 17 -4.62 -9.84 -15.34
CA ASP B 17 -6.07 -10.05 -15.40
C ASP B 17 -6.80 -8.85 -14.88
N GLU B 18 -6.27 -8.26 -13.83
CA GLU B 18 -6.94 -7.14 -13.21
C GLU B 18 -6.87 -5.96 -14.17
N HIS B 19 -5.78 -5.84 -14.91
CA HIS B 19 -5.59 -4.72 -15.84
C HIS B 19 -6.53 -4.83 -17.00
N ASN B 20 -6.61 -6.04 -17.55
CA ASN B 20 -7.58 -6.32 -18.60
C ASN B 20 -9.04 -5.98 -18.16
N LYS B 21 -9.47 -6.41 -16.97
CA LYS B 21 -10.79 -5.99 -16.48
C LYS B 21 -10.91 -4.48 -16.49
N LYS B 22 -10.10 -3.83 -15.68
CA LYS B 22 -10.25 -2.40 -15.44
C LYS B 22 -10.15 -1.52 -16.69
N GLU B 23 -9.52 -2.00 -17.78
CA GLU B 23 -9.28 -1.12 -18.92
C GLU B 23 -9.66 -1.70 -20.26
N ASN B 24 -10.50 -2.74 -20.21
CA ASN B 24 -10.93 -3.48 -21.37
C ASN B 24 -9.83 -3.76 -22.38
N ALA B 25 -8.61 -3.92 -21.89
CA ALA B 25 -7.49 -4.37 -22.72
C ALA B 25 -7.43 -5.91 -22.80
N LEU B 26 -6.53 -6.41 -23.64
CA LEU B 26 -6.41 -7.85 -23.84
C LEU B 26 -4.96 -8.20 -23.88
N LEU B 27 -4.20 -7.76 -22.88
CA LEU B 27 -2.79 -8.15 -22.74
C LEU B 27 -2.72 -9.65 -22.46
N GLU B 28 -1.69 -10.31 -22.99
CA GLU B 28 -1.53 -11.75 -22.87
C GLU B 28 -0.24 -12.02 -22.11
N PHE B 29 -0.34 -12.53 -20.89
CA PHE B 29 0.83 -12.75 -20.02
C PHE B 29 1.80 -13.69 -20.72
N VAL B 30 3.09 -13.43 -20.54
CA VAL B 30 4.13 -14.31 -21.04
C VAL B 30 5.07 -14.83 -19.97
N ARG B 31 5.70 -13.92 -19.24
CA ARG B 31 6.56 -14.29 -18.12
C ARG B 31 6.87 -13.09 -17.22
N VAL B 32 7.45 -13.36 -16.04
CA VAL B 32 7.88 -12.33 -15.14
C VAL B 32 9.37 -12.24 -15.29
N VAL B 33 9.90 -11.02 -15.37
CA VAL B 33 11.35 -10.84 -15.59
C VAL B 33 12.14 -10.63 -14.30
N LYS B 34 11.75 -9.63 -13.51
CA LYS B 34 12.39 -9.31 -12.20
C LYS B 34 11.26 -9.04 -11.25
N ALA B 35 11.48 -9.26 -9.96
CA ALA B 35 10.51 -8.85 -8.98
C ALA B 35 11.26 -8.54 -7.73
N LYS B 36 10.77 -7.54 -7.00
CA LYS B 36 11.20 -7.18 -5.66
C LYS B 36 9.96 -7.50 -4.81
N GLU B 37 10.15 -8.05 -3.61
CA GLU B 37 9.04 -8.46 -2.77
C GLU B 37 9.34 -7.97 -1.37
N GLN B 38 8.43 -7.19 -0.82
CA GLN B 38 8.67 -6.44 0.38
C GLN B 38 7.54 -6.77 1.38
N ALA B 39 7.88 -7.50 2.45
CA ALA B 39 6.85 -7.95 3.42
C ALA B 39 7.10 -7.42 4.83
N ASN B 40 6.03 -7.26 5.59
CA ASN B 40 6.16 -6.83 6.96
C ASN B 40 5.63 -7.93 7.82
N LEU B 41 6.28 -8.14 8.95
CA LEU B 41 5.82 -9.04 10.01
C LEU B 41 5.87 -8.21 11.27
N TYR B 42 4.82 -8.28 12.09
CA TYR B 42 4.80 -7.53 13.33
C TYR B 42 4.11 -8.36 14.41
N LEU B 43 4.65 -8.31 15.63
CA LEU B 43 4.17 -9.15 16.72
C LEU B 43 3.87 -10.59 16.29
N SER B 44 4.87 -11.18 15.63
CA SER B 44 4.89 -12.56 15.15
C SER B 44 3.75 -12.92 14.19
N THR B 45 3.19 -11.92 13.50
CA THR B 45 2.20 -12.18 12.45
C THR B 45 2.43 -11.37 11.17
N PRO B 46 2.29 -12.02 10.01
CA PRO B 46 2.52 -11.28 8.79
C PRO B 46 1.39 -10.31 8.56
N ILE B 47 1.76 -9.15 8.07
CA ILE B 47 0.87 -8.04 8.00
C ILE B 47 0.46 -7.82 6.57
N ASP B 48 1.41 -7.50 5.71
CA ASP B 48 1.16 -7.29 4.29
C ASP B 48 2.43 -7.56 3.51
N THR B 49 2.29 -7.65 2.19
CA THR B 49 3.46 -7.73 1.31
C THR B 49 3.26 -6.89 0.05
N MET B 50 4.25 -6.11 -0.34
CA MET B 50 4.18 -5.34 -1.58
C MET B 50 5.02 -6.05 -2.64
N TYR B 51 4.48 -6.18 -3.84
CA TYR B 51 5.19 -6.85 -4.92
C TYR B 51 5.39 -5.90 -6.07
N TYR B 52 6.65 -5.65 -6.39
CA TYR B 52 7.04 -4.88 -7.56
C TYR B 52 7.46 -5.84 -8.70
N LEU B 53 6.64 -5.92 -9.76
CA LEU B 53 6.86 -6.87 -10.86
C LEU B 53 7.19 -6.17 -12.16
N THR B 54 8.24 -6.65 -12.80
CA THR B 54 8.56 -6.34 -14.17
C THR B 54 8.31 -7.59 -14.97
N LEU B 55 7.51 -7.41 -16.01
CA LEU B 55 6.54 -8.33 -16.50
C LEU B 55 6.58 -8.29 -18.04
N GLU B 56 6.41 -9.39 -18.75
CA GLU B 56 6.35 -9.31 -20.20
C GLU B 56 5.02 -9.83 -20.65
N ALA B 57 4.29 -9.03 -21.42
CA ALA B 57 3.02 -9.49 -21.97
C ALA B 57 2.93 -9.14 -23.44
N LYS B 58 2.16 -9.92 -24.20
CA LYS B 58 1.91 -9.58 -25.60
C LYS B 58 0.81 -8.54 -25.65
N ASP B 59 1.03 -7.54 -26.52
CA ASP B 59 0.09 -6.43 -26.79
C ASP B 59 -0.21 -6.42 -28.27
N GLY B 60 -1.47 -6.61 -28.62
CA GLY B 60 -1.81 -6.96 -29.99
C GLY B 60 -0.92 -8.04 -30.64
N GLY B 61 -0.12 -8.76 -29.84
CA GLY B 61 0.80 -9.75 -30.40
C GLY B 61 2.28 -9.42 -30.21
N LYS B 62 2.60 -8.19 -29.86
CA LYS B 62 3.98 -7.74 -29.62
C LYS B 62 4.34 -7.79 -28.13
N LYS B 63 5.42 -8.48 -27.79
CA LYS B 63 5.83 -8.60 -26.41
C LYS B 63 6.51 -7.33 -25.96
N LYS B 64 5.82 -6.59 -25.10
CA LYS B 64 6.42 -5.48 -24.36
C LYS B 64 6.59 -5.78 -22.86
N LEU B 65 7.40 -4.93 -22.22
CA LEU B 65 7.53 -4.95 -20.78
C LEU B 65 6.58 -4.01 -20.12
N TYR B 66 6.09 -4.45 -18.96
CA TYR B 66 5.31 -3.65 -18.04
C TYR B 66 5.89 -3.70 -16.63
N GLU B 67 5.32 -2.89 -15.76
CA GLU B 67 5.75 -2.80 -14.38
C GLU B 67 4.48 -2.64 -13.52
N ALA B 68 4.29 -3.54 -12.55
CA ALA B 68 3.06 -3.51 -11.72
C ALA B 68 3.42 -3.52 -10.25
N LYS B 69 2.50 -3.05 -9.43
CA LYS B 69 2.68 -3.05 -8.01
C LYS B 69 1.47 -3.80 -7.53
N VAL B 70 1.69 -4.90 -6.84
CA VAL B 70 0.61 -5.65 -6.25
C VAL B 70 0.82 -5.60 -4.76
N TRP B 71 -0.27 -5.38 -4.06
CA TRP B 71 -0.30 -5.37 -2.61
C TRP B 71 -1.17 -6.53 -2.20
N VAL B 72 -0.66 -7.25 -1.20
CA VAL B 72 -1.34 -8.38 -0.64
C VAL B 72 -1.43 -8.14 0.84
N LYS B 73 -2.65 -8.11 1.33
CA LYS B 73 -2.90 -7.99 2.73
C LYS B 73 -3.22 -9.39 3.20
N HIS B 74 -2.67 -9.74 4.37
CA HIS B 74 -2.79 -11.06 5.02
C HIS B 74 -3.71 -11.08 6.23
N ILE B 75 -4.84 -11.75 6.11
CA ILE B 75 -5.66 -12.00 7.26
C ILE B 75 -5.14 -13.29 7.82
N MET B 76 -4.82 -13.30 9.11
CA MET B 76 -4.07 -14.41 9.67
C MET B 76 -4.92 -15.45 10.37
N TYR B 77 -5.49 -15.12 11.51
CA TYR B 77 -6.11 -16.18 12.28
C TYR B 77 -7.60 -16.01 12.35
N TYR B 78 -8.04 -14.75 12.53
CA TYR B 78 -9.39 -14.55 13.01
C TYR B 78 -10.37 -15.08 12.03
N PRO B 79 -10.59 -14.35 10.95
CA PRO B 79 -11.76 -14.91 10.34
C PRO B 79 -11.38 -15.86 9.23
N LYS B 80 -10.53 -16.85 9.53
CA LYS B 80 -9.95 -17.74 8.53
C LYS B 80 -8.69 -17.06 8.06
N THR B 81 -7.70 -17.85 7.68
CA THR B 81 -6.50 -17.36 7.01
C THR B 81 -6.80 -17.00 5.55
N ALA B 82 -6.58 -15.75 5.19
CA ALA B 82 -6.75 -15.32 3.80
C ALA B 82 -5.71 -14.29 3.34
N ASN B 83 -5.74 -13.99 2.05
CA ASN B 83 -4.94 -12.92 1.47
C ASN B 83 -5.77 -12.14 0.49
N PHE B 84 -5.87 -10.82 0.69
CA PHE B 84 -6.60 -9.97 -0.25
C PHE B 84 -5.55 -9.27 -1.14
N LYS B 85 -5.67 -9.41 -2.46
CA LYS B 85 -4.71 -8.80 -3.38
C LYS B 85 -5.35 -7.59 -3.99
N GLU B 86 -4.58 -6.56 -4.30
CA GLU B 86 -5.13 -5.46 -5.08
C GLU B 86 -4.03 -4.91 -5.95
N LEU B 87 -4.36 -4.62 -7.20
CA LEU B 87 -3.41 -4.09 -8.16
C LEU B 87 -3.34 -2.58 -8.04
N GLN B 88 -2.17 -2.02 -7.81
CA GLN B 88 -2.08 -0.57 -7.81
C GLN B 88 -0.94 -0.16 -8.70
N GLU B 89 -1.27 0.52 -9.78
CA GLU B 89 -0.28 0.92 -10.77
C GLU B 89 0.10 -0.29 -11.63
N PHE B 90 -0.30 -0.21 -12.90
CA PHE B 90 0.13 -1.14 -13.93
C PHE B 90 0.45 -0.31 -15.15
N LYS B 91 1.71 0.09 -15.32
CA LYS B 91 2.03 0.87 -16.50
C LYS B 91 3.18 0.21 -17.27
N PRO B 92 3.21 0.38 -18.61
CA PRO B 92 4.38 -0.02 -19.45
C PRO B 92 5.70 0.58 -18.97
N VAL B 93 6.82 -0.01 -19.37
CA VAL B 93 8.11 0.55 -18.98
C VAL B 93 8.76 1.14 -20.22
N GLY B 94 8.41 2.40 -20.49
CA GLY B 94 8.93 3.15 -21.64
C GLY B 94 9.77 4.32 -21.21
#